data_4C8B
#
_entry.id   4C8B
#
_cell.length_a   58.735
_cell.length_b   86.682
_cell.length_c   137.335
_cell.angle_alpha   90.00
_cell.angle_beta   90.00
_cell.angle_gamma   90.00
#
_symmetry.space_group_name_H-M   'P 21 21 21'
#
loop_
_entity.id
_entity.type
_entity.pdbx_description
1 polymer 'RECEPTOR-INTERACTING SERINE/THREONINE-PROTEIN KINASE 2'
2 non-polymer '3-(imidazo[1,2-b]pyridazin-3-ylethynyl)-4-methyl-N-{4-[(4-methylpiperazin-1-yl)methyl]-3-(trifluoromethyl)phenyl}benzam ide'
3 non-polymer 1,2-ETHANEDIOL
4 water water
#
_entity_poly.entity_id   1
_entity_poly.type   'polypeptide(L)'
_entity_poly.pdbx_seq_one_letter_code
;MGHHHHHHSSGVDLGTENLYFQSMSALPTIPYHKLADLRYLSRGASGTVSSARHADWRVQVAVKHLHIHTPLLDSERKDV
LREAEILHKARFSYILPILGICNEPEFLGIVTEYMPNGSLNELLHRKTEYPDVAWPLRFRILHEIALGVNYLHNMTPPLL
HHDLKTQNILLDNEFHVKIADFGLSKWCMMSLSQSRSSKSAPEGGTIIYMPPENYEPGQKSRASIKHDIYSYAVITWEVL
SRKQPFEDVTNPLQIMYSVSQGHRPVINEESLPYDIPHRARMISLIESGWAQNPDERPSFLKCLIELEPVLRTFEEITFL
EAVIQLKKTKLQSV
;
_entity_poly.pdbx_strand_id   A,B
#
# COMPACT_ATOMS: atom_id res chain seq x y z
N SER A 25 -17.02 -5.37 11.78
CA SER A 25 -17.64 -6.57 11.16
C SER A 25 -16.60 -7.30 10.33
N ALA A 26 -15.94 -6.54 9.46
CA ALA A 26 -14.85 -7.05 8.63
C ALA A 26 -13.49 -6.98 9.36
N LEU A 27 -13.45 -6.35 10.54
CA LEU A 27 -12.19 -6.04 11.20
C LEU A 27 -11.66 -7.12 12.16
N PRO A 28 -10.52 -7.74 11.81
CA PRO A 28 -9.98 -8.85 12.61
C PRO A 28 -9.68 -8.49 14.07
N THR A 29 -9.95 -9.42 14.97
CA THR A 29 -9.52 -9.27 16.34
C THR A 29 -8.27 -10.10 16.51
N ILE A 30 -7.20 -9.40 16.89
CA ILE A 30 -5.90 -10.00 16.93
C ILE A 30 -5.57 -10.25 18.38
N PRO A 31 -5.31 -11.51 18.71
CA PRO A 31 -4.87 -11.80 20.06
C PRO A 31 -3.48 -11.26 20.31
N TYR A 32 -3.29 -10.69 21.50
CA TYR A 32 -2.00 -10.19 21.92
C TYR A 32 -0.86 -11.22 21.75
N HIS A 33 -1.12 -12.49 21.99
CA HIS A 33 -0.06 -13.49 21.93
C HIS A 33 0.35 -13.81 20.49
N LYS A 34 -0.43 -13.35 19.52
CA LYS A 34 0.02 -13.43 18.12
C LYS A 34 1.04 -12.31 17.72
N LEU A 35 1.28 -11.34 18.58
CA LEU A 35 2.25 -10.26 18.33
C LEU A 35 3.63 -10.50 18.95
N ALA A 36 4.63 -10.74 18.11
CA ALA A 36 5.96 -11.07 18.58
C ALA A 36 6.93 -9.89 18.45
N ASP A 37 8.00 -9.96 19.22
CA ASP A 37 9.10 -8.96 19.26
C ASP A 37 8.59 -7.50 19.37
N LEU A 38 7.89 -7.18 20.45
CA LEU A 38 7.43 -5.80 20.68
C LEU A 38 8.54 -4.86 21.10
N ARG A 39 8.69 -3.76 20.36
CA ARG A 39 9.71 -2.77 20.63
C ARG A 39 9.02 -1.41 20.71
N TYR A 40 9.23 -0.70 21.81
CA TYR A 40 8.73 0.66 21.99
C TYR A 40 9.08 1.55 20.79
N LEU A 41 8.22 2.54 20.51
CA LEU A 41 8.48 3.57 19.49
C LEU A 41 8.14 4.97 20.00
N SER A 42 6.91 5.13 20.48
CA SER A 42 6.40 6.41 20.96
C SER A 42 5.57 6.20 22.22
N ARG A 43 5.53 7.24 23.04
CA ARG A 43 4.59 7.34 24.15
C ARG A 43 3.68 8.55 23.83
N GLY A 44 2.69 8.32 22.99
CA GLY A 44 1.62 9.31 22.71
C GLY A 44 0.74 9.55 23.94
N ALA A 45 -0.49 10.03 23.74
CA ALA A 45 -1.29 10.54 24.86
C ALA A 45 -1.69 9.46 25.90
N SER A 46 -2.61 8.56 25.53
CA SER A 46 -3.18 7.57 26.47
C SER A 46 -2.35 6.29 26.65
N GLY A 47 -1.23 6.18 25.94
CA GLY A 47 -0.48 4.92 25.91
C GLY A 47 0.53 4.84 24.79
N THR A 48 1.03 3.63 24.56
CA THR A 48 2.28 3.44 23.86
C THR A 48 2.11 2.92 22.45
N VAL A 49 3.00 3.35 21.55
CA VAL A 49 3.04 2.79 20.21
C VAL A 49 4.26 1.91 20.11
N SER A 50 4.04 0.67 19.66
CA SER A 50 5.12 -0.30 19.57
C SER A 50 5.13 -1.01 18.23
N SER A 51 6.32 -1.42 17.79
CA SER A 51 6.44 -2.27 16.60
C SER A 51 6.38 -3.73 17.03
N ALA A 52 5.94 -4.59 16.11
CA ALA A 52 5.84 -6.01 16.37
C ALA A 52 5.80 -6.81 15.06
N ARG A 53 5.82 -8.13 15.17
CA ARG A 53 5.67 -9.04 14.05
C ARG A 53 4.51 -9.93 14.36
N HIS A 54 3.60 -10.03 13.41
CA HIS A 54 2.44 -10.91 13.55
C HIS A 54 2.89 -12.31 13.22
N ALA A 55 2.57 -13.23 14.10
CA ALA A 55 3.16 -14.55 14.05
C ALA A 55 2.65 -15.40 12.88
N ASP A 56 1.39 -15.22 12.48
CA ASP A 56 0.82 -15.91 11.31
C ASP A 56 0.88 -15.13 9.96
N TRP A 57 0.82 -13.80 9.99
CA TRP A 57 0.84 -13.04 8.74
C TRP A 57 2.29 -12.77 8.31
N ARG A 58 3.21 -12.81 9.27
CA ARG A 58 4.62 -12.69 8.97
C ARG A 58 4.95 -11.32 8.38
N VAL A 59 4.26 -10.29 8.83
CA VAL A 59 4.55 -8.95 8.44
C VAL A 59 4.80 -8.19 9.71
N GLN A 60 5.47 -7.06 9.59
CA GLN A 60 5.67 -6.18 10.73
C GLN A 60 4.41 -5.35 10.90
N VAL A 61 4.14 -4.92 12.11
CA VAL A 61 2.97 -4.13 12.40
C VAL A 61 3.31 -3.07 13.42
N ALA A 62 2.42 -2.08 13.54
CA ALA A 62 2.45 -1.16 14.65
C ALA A 62 1.26 -1.45 15.51
N VAL A 63 1.40 -1.22 16.79
CA VAL A 63 0.28 -1.43 17.69
C VAL A 63 0.23 -0.31 18.72
N LYS A 64 -0.95 0.26 18.88
CA LYS A 64 -1.20 1.33 19.85
C LYS A 64 -2.01 0.74 20.99
N HIS A 65 -1.40 0.64 22.17
CA HIS A 65 -2.02 -0.02 23.32
C HIS A 65 -2.10 0.95 24.49
N LEU A 66 -3.32 1.11 25.01
CA LEU A 66 -3.58 1.94 26.19
C LEU A 66 -3.14 1.22 27.48
N HIS A 67 -2.70 1.99 28.48
CA HIS A 67 -2.40 1.47 29.84
C HIS A 67 -3.60 0.79 30.50
N ILE A 68 -3.36 -0.33 31.20
CA ILE A 68 -4.43 -1.10 31.84
C ILE A 68 -4.69 -0.57 33.27
N HIS A 69 -3.66 0.00 33.90
CA HIS A 69 -3.78 0.52 35.26
C HIS A 69 -4.21 2.00 35.29
N THR A 70 -5.44 2.25 34.85
CA THR A 70 -6.09 3.56 34.97
C THR A 70 -7.47 3.35 35.60
N PRO A 71 -7.94 4.32 36.42
CA PRO A 71 -9.31 4.24 36.92
C PRO A 71 -10.35 4.56 35.84
N LEU A 72 -9.96 5.37 34.85
CA LEU A 72 -10.85 5.75 33.75
C LEU A 72 -10.67 4.84 32.52
N LEU A 73 -10.51 3.52 32.74
CA LEU A 73 -10.32 2.55 31.65
C LEU A 73 -11.63 2.16 30.96
N ASP A 74 -12.76 2.41 31.62
CA ASP A 74 -14.07 2.19 31.00
C ASP A 74 -14.20 3.05 29.72
N SER A 75 -14.03 4.37 29.86
CA SER A 75 -14.07 5.29 28.73
C SER A 75 -12.88 5.08 27.76
N GLU A 76 -11.73 4.64 28.26
CA GLU A 76 -10.57 4.34 27.39
C GLU A 76 -10.96 3.32 26.33
N ARG A 77 -11.68 2.28 26.72
CA ARG A 77 -12.19 1.28 25.77
C ARG A 77 -12.99 1.94 24.68
N LYS A 78 -13.98 2.75 25.07
CA LYS A 78 -14.86 3.43 24.11
C LYS A 78 -14.06 4.26 23.09
N ASP A 79 -13.04 4.95 23.56
CA ASP A 79 -12.21 5.78 22.68
C ASP A 79 -11.51 4.94 21.66
N VAL A 80 -11.04 3.77 22.05
CA VAL A 80 -10.27 2.92 21.16
C VAL A 80 -11.16 2.38 20.05
N LEU A 81 -12.34 1.89 20.40
CA LEU A 81 -13.27 1.36 19.41
C LEU A 81 -13.75 2.45 18.46
N ARG A 82 -13.92 3.68 18.96
CA ARG A 82 -14.33 4.78 18.09
C ARG A 82 -13.20 5.10 17.11
N GLU A 83 -11.96 5.07 17.58
CA GLU A 83 -10.80 5.33 16.71
C GLU A 83 -10.66 4.26 15.60
N ALA A 84 -10.83 3.00 15.95
CA ALA A 84 -10.71 1.92 14.99
C ALA A 84 -11.82 2.00 13.96
N GLU A 85 -13.03 2.32 14.40
CA GLU A 85 -14.14 2.52 13.48
C GLU A 85 -13.81 3.60 12.45
N ILE A 86 -13.21 4.70 12.92
CA ILE A 86 -12.83 5.81 12.04
C ILE A 86 -11.81 5.36 11.01
N LEU A 87 -10.67 4.86 11.48
CA LEU A 87 -9.62 4.40 10.58
C LEU A 87 -10.14 3.39 9.58
N HIS A 88 -11.01 2.50 10.03
CA HIS A 88 -11.58 1.48 9.16
C HIS A 88 -12.52 2.09 8.12
N LYS A 89 -13.35 3.05 8.52
CA LYS A 89 -14.21 3.74 7.55
C LYS A 89 -13.35 4.52 6.55
N ALA A 90 -12.17 4.95 6.96
CA ALA A 90 -11.33 5.82 6.12
C ALA A 90 -10.23 5.12 5.32
N ARG A 91 -10.45 3.89 4.92
CA ARG A 91 -9.45 3.18 4.10
C ARG A 91 -9.21 3.92 2.78
N PHE A 92 -7.93 4.13 2.45
CA PHE A 92 -7.52 4.89 1.26
C PHE A 92 -5.98 4.85 1.13
N SER A 93 -5.48 4.97 -0.10
CA SER A 93 -4.07 4.83 -0.38
C SER A 93 -3.15 5.69 0.53
N TYR A 94 -3.62 6.87 0.96
CA TYR A 94 -2.76 7.81 1.72
C TYR A 94 -3.19 8.01 3.17
N ILE A 95 -3.95 7.05 3.69
CA ILE A 95 -4.36 6.99 5.09
C ILE A 95 -3.79 5.72 5.70
N LEU A 96 -3.18 5.84 6.87
CA LEU A 96 -2.60 4.67 7.56
C LEU A 96 -3.60 3.50 7.63
N PRO A 97 -3.26 2.36 7.03
CA PRO A 97 -4.17 1.23 7.04
C PRO A 97 -4.21 0.48 8.36
N ILE A 98 -5.41 0.36 8.90
CA ILE A 98 -5.65 -0.43 10.09
C ILE A 98 -5.77 -1.91 9.74
N LEU A 99 -5.15 -2.79 10.55
CA LEU A 99 -5.19 -4.24 10.28
C LEU A 99 -6.06 -5.01 11.27
N GLY A 100 -6.26 -4.46 12.48
CA GLY A 100 -7.09 -5.12 13.47
C GLY A 100 -7.12 -4.44 14.83
N ILE A 101 -7.95 -4.97 15.72
CA ILE A 101 -8.05 -4.50 17.11
C ILE A 101 -7.53 -5.60 18.06
N CYS A 102 -6.87 -5.18 19.12
CA CYS A 102 -6.60 -6.06 20.26
C CYS A 102 -7.57 -5.74 21.37
N ASN A 103 -8.27 -6.76 21.85
CA ASN A 103 -9.36 -6.57 22.81
C ASN A 103 -9.41 -7.74 23.78
N GLU A 104 -8.58 -7.64 24.81
CA GLU A 104 -8.48 -8.69 25.82
C GLU A 104 -8.41 -8.04 27.20
N PRO A 105 -8.65 -8.84 28.26
CA PRO A 105 -8.53 -8.30 29.61
C PRO A 105 -7.14 -7.72 29.90
N GLU A 106 -6.11 -8.39 29.39
CA GLU A 106 -4.72 -7.99 29.67
C GLU A 106 -4.18 -6.88 28.75
N PHE A 107 -4.90 -6.56 27.68
CA PHE A 107 -4.31 -5.78 26.57
C PHE A 107 -5.37 -5.25 25.59
N LEU A 108 -5.34 -3.93 25.37
CA LEU A 108 -6.28 -3.25 24.50
C LEU A 108 -5.53 -2.36 23.54
N GLY A 109 -5.81 -2.50 22.24
CA GLY A 109 -5.13 -1.68 21.25
C GLY A 109 -5.60 -1.78 19.81
N ILE A 110 -4.95 -0.99 18.95
CA ILE A 110 -5.20 -0.98 17.52
C ILE A 110 -3.91 -1.39 16.83
N VAL A 111 -4.03 -2.30 15.85
CA VAL A 111 -2.90 -2.74 15.05
C VAL A 111 -3.03 -2.14 13.65
N THR A 112 -1.94 -1.54 13.17
CA THR A 112 -1.88 -0.97 11.84
C THR A 112 -0.65 -1.46 11.12
N GLU A 113 -0.52 -1.11 9.84
CA GLU A 113 0.69 -1.37 9.09
C GLU A 113 1.79 -0.57 9.75
N TYR A 114 3.01 -1.05 9.61
CA TYR A 114 4.16 -0.39 10.16
C TYR A 114 4.86 0.40 9.06
N MET A 115 5.22 1.64 9.38
CA MET A 115 5.87 2.55 8.43
C MET A 115 7.33 2.71 8.81
N PRO A 116 8.23 2.04 8.08
CA PRO A 116 9.64 1.86 8.48
C PRO A 116 10.47 3.13 8.45
N ASN A 117 10.02 4.10 7.68
CA ASN A 117 10.77 5.34 7.54
C ASN A 117 10.25 6.48 8.41
N GLY A 118 9.45 6.17 9.42
CA GLY A 118 9.07 7.15 10.43
C GLY A 118 8.23 8.30 9.92
N SER A 119 8.35 9.43 10.59
CA SER A 119 7.49 10.56 10.31
C SER A 119 8.18 11.60 9.43
N LEU A 120 7.38 12.40 8.74
CA LEU A 120 7.86 13.53 7.96
C LEU A 120 8.73 14.46 8.82
N ASN A 121 8.37 14.60 10.08
CA ASN A 121 9.13 15.40 10.99
C ASN A 121 10.62 15.00 11.02
N GLU A 122 10.85 13.70 11.09
CA GLU A 122 12.20 13.19 11.16
C GLU A 122 12.90 13.46 9.85
N LEU A 123 12.22 13.22 8.74
CA LEU A 123 12.80 13.44 7.44
C LEU A 123 13.33 14.86 7.28
N LEU A 124 12.53 15.83 7.74
CA LEU A 124 12.85 17.25 7.56
C LEU A 124 13.94 17.77 8.48
N HIS A 125 14.00 17.30 9.72
CA HIS A 125 14.85 17.94 10.74
C HIS A 125 16.05 17.14 11.20
N ARG A 126 16.11 15.86 10.89
CA ARG A 126 17.33 15.09 11.07
C ARG A 126 18.27 15.26 9.88
N LYS A 127 18.96 16.39 9.85
CA LYS A 127 19.88 16.73 8.75
C LYS A 127 21.20 15.94 8.75
N THR A 128 21.52 15.29 9.87
CA THR A 128 22.70 14.42 9.89
C THR A 128 22.33 13.12 9.13
N GLU A 129 21.16 12.54 9.40
CA GLU A 129 20.72 11.31 8.71
C GLU A 129 20.22 11.53 7.26
N TYR A 130 19.62 12.69 7.00
CA TYR A 130 19.01 12.99 5.71
C TYR A 130 19.48 14.35 5.22
N PRO A 131 20.75 14.45 4.78
CA PRO A 131 21.32 15.76 4.42
C PRO A 131 20.78 16.38 3.13
N ASP A 132 20.26 15.56 2.22
CA ASP A 132 19.65 16.07 0.98
C ASP A 132 18.28 15.41 0.82
N VAL A 133 17.24 16.21 0.67
CA VAL A 133 15.94 15.64 0.37
C VAL A 133 15.44 16.31 -0.91
N ALA A 134 15.65 15.63 -2.05
CA ALA A 134 15.42 16.22 -3.37
C ALA A 134 14.05 16.82 -3.55
N TRP A 135 13.97 17.89 -4.33
CA TRP A 135 12.72 18.65 -4.49
C TRP A 135 11.55 17.80 -4.97
N PRO A 136 11.76 16.91 -5.95
CA PRO A 136 10.61 16.16 -6.44
C PRO A 136 9.93 15.34 -5.36
N LEU A 137 10.74 14.67 -4.55
CA LEU A 137 10.19 13.87 -3.46
C LEU A 137 9.38 14.77 -2.53
N ARG A 138 9.86 15.97 -2.28
CA ARG A 138 9.15 16.89 -1.41
C ARG A 138 7.79 17.28 -1.95
N PHE A 139 7.70 17.47 -3.26
CA PHE A 139 6.44 17.89 -3.85
C PHE A 139 5.49 16.71 -3.88
N ARG A 140 6.03 15.51 -4.11
CA ARG A 140 5.23 14.30 -4.04
C ARG A 140 4.58 14.16 -2.67
N ILE A 141 5.38 14.43 -1.64
CA ILE A 141 4.89 14.28 -0.30
C ILE A 141 3.76 15.26 -0.06
N LEU A 142 3.96 16.51 -0.51
CA LEU A 142 2.92 17.52 -0.31
C LEU A 142 1.67 17.17 -1.10
N HIS A 143 1.86 16.64 -2.31
CA HIS A 143 0.74 16.23 -3.14
C HIS A 143 -0.07 15.14 -2.41
N GLU A 144 0.62 14.13 -1.88
CA GLU A 144 -0.05 13.00 -1.21
C GLU A 144 -0.73 13.37 0.13
N ILE A 145 -0.17 14.32 0.86
CA ILE A 145 -0.82 14.77 2.06
C ILE A 145 -2.17 15.37 1.67
N ALA A 146 -2.16 16.15 0.60
CA ALA A 146 -3.36 16.81 0.09
C ALA A 146 -4.37 15.79 -0.38
N LEU A 147 -3.90 14.73 -1.04
CA LEU A 147 -4.81 13.68 -1.48
C LEU A 147 -5.47 13.00 -0.30
N GLY A 148 -4.74 12.85 0.80
CA GLY A 148 -5.24 12.14 1.95
C GLY A 148 -6.31 12.96 2.65
N VAL A 149 -5.98 14.22 2.94
CA VAL A 149 -6.86 15.07 3.72
C VAL A 149 -8.10 15.32 2.89
N ASN A 150 -7.91 15.52 1.60
CA ASN A 150 -9.02 15.75 0.69
C ASN A 150 -10.03 14.60 0.72
N TYR A 151 -9.55 13.36 0.75
CA TYR A 151 -10.42 12.19 0.83
C TYR A 151 -11.22 12.24 2.13
N LEU A 152 -10.58 12.59 3.24
CA LEU A 152 -11.29 12.68 4.50
C LEU A 152 -12.42 13.71 4.40
N HIS A 153 -12.11 14.87 3.83
CA HIS A 153 -13.10 15.93 3.67
C HIS A 153 -14.24 15.54 2.72
N ASN A 154 -14.01 14.57 1.84
CA ASN A 154 -15.05 14.10 0.92
C ASN A 154 -15.83 12.87 1.39
N MET A 155 -15.64 12.42 2.62
CA MET A 155 -16.41 11.28 3.13
C MET A 155 -17.81 11.72 3.54
N THR A 156 -18.65 10.74 3.83
CA THR A 156 -20.02 11.01 4.27
C THR A 156 -20.29 10.39 5.65
N PRO A 157 -20.43 11.23 6.68
CA PRO A 157 -20.16 12.68 6.61
C PRO A 157 -18.66 12.94 6.52
N PRO A 158 -18.28 14.20 6.25
CA PRO A 158 -16.85 14.51 6.18
C PRO A 158 -16.14 14.25 7.49
N LEU A 159 -14.92 13.70 7.38
CA LEU A 159 -13.97 13.64 8.47
C LEU A 159 -13.04 14.83 8.39
N LEU A 160 -12.83 15.48 9.53
CA LEU A 160 -11.89 16.59 9.63
C LEU A 160 -10.77 16.12 10.54
N HIS A 161 -9.52 16.42 10.16
CA HIS A 161 -8.41 15.82 10.86
C HIS A 161 -8.18 16.58 12.15
N HIS A 162 -7.95 17.87 12.00
CA HIS A 162 -7.86 18.80 13.13
C HIS A 162 -6.70 18.57 14.09
N ASP A 163 -5.70 17.85 13.62
CA ASP A 163 -4.45 17.69 14.33
C ASP A 163 -3.30 17.39 13.35
N LEU A 164 -3.34 17.93 12.15
CA LEU A 164 -2.24 17.72 11.21
C LEU A 164 -0.97 18.37 11.71
N LYS A 165 0.11 17.60 11.70
CA LYS A 165 1.43 18.13 11.94
C LYS A 165 2.39 17.15 11.31
N THR A 166 3.66 17.51 11.21
CA THR A 166 4.63 16.64 10.51
C THR A 166 4.89 15.34 11.26
N GLN A 167 4.71 15.36 12.59
CA GLN A 167 4.75 14.16 13.43
C GLN A 167 3.68 13.14 13.03
N ASN A 168 2.55 13.59 12.49
CA ASN A 168 1.44 12.73 12.09
C ASN A 168 1.45 12.28 10.68
N ILE A 169 2.47 12.65 9.91
CA ILE A 169 2.58 12.22 8.53
C ILE A 169 3.64 11.14 8.51
N LEU A 170 3.24 9.93 8.16
CA LEU A 170 4.18 8.80 8.13
C LEU A 170 4.58 8.48 6.69
N LEU A 171 5.66 7.74 6.56
CA LEU A 171 6.32 7.45 5.30
C LEU A 171 6.62 5.95 5.20
N ASP A 172 6.08 5.32 4.17
CA ASP A 172 6.21 3.87 3.98
C ASP A 172 7.58 3.50 3.39
N ASN A 173 7.76 2.25 2.96
CA ASN A 173 9.10 1.82 2.53
C ASN A 173 9.60 2.57 1.31
N GLU A 174 8.70 3.07 0.46
CA GLU A 174 9.14 3.94 -0.67
C GLU A 174 8.91 5.43 -0.50
N PHE A 175 8.76 5.86 0.74
CA PHE A 175 8.55 7.27 1.07
C PHE A 175 7.26 7.86 0.51
N HIS A 176 6.25 7.00 0.33
CA HIS A 176 4.90 7.47 0.11
C HIS A 176 4.26 7.77 1.45
N VAL A 177 3.30 8.69 1.44
CA VAL A 177 2.72 9.24 2.65
C VAL A 177 1.56 8.41 3.16
N LYS A 178 1.55 8.23 4.46
CA LYS A 178 0.40 7.70 5.16
C LYS A 178 0.05 8.64 6.31
N ILE A 179 -1.15 9.21 6.27
CA ILE A 179 -1.57 10.16 7.26
C ILE A 179 -2.03 9.42 8.50
N ALA A 180 -1.73 9.97 9.65
CA ALA A 180 -2.06 9.32 10.90
C ALA A 180 -2.48 10.37 11.92
N ASP A 181 -2.72 9.91 13.16
CA ASP A 181 -3.00 10.79 14.29
C ASP A 181 -2.63 10.13 15.62
N PHE A 182 -2.05 10.88 16.56
CA PHE A 182 -1.49 10.34 17.81
C PHE A 182 -1.94 11.02 19.12
N GLY A 205 4.52 23.59 19.20
CA GLY A 205 4.72 22.31 18.53
C GLY A 205 3.41 21.61 18.21
N THR A 206 2.46 21.73 19.12
CA THR A 206 1.06 21.51 18.74
C THR A 206 0.52 22.82 18.16
N ILE A 207 0.60 23.92 18.91
CA ILE A 207 -0.14 25.13 18.53
C ILE A 207 0.31 25.86 17.25
N ILE A 208 1.52 25.58 16.76
CA ILE A 208 2.00 26.22 15.52
C ILE A 208 1.20 25.87 14.27
N TYR A 209 0.57 24.71 14.29
CA TYR A 209 -0.23 24.26 13.17
C TYR A 209 -1.69 24.66 13.30
N MET A 210 -2.02 25.37 14.40
CA MET A 210 -3.39 25.70 14.73
C MET A 210 -3.75 27.09 14.28
N PRO A 211 -4.90 27.23 13.65
CA PRO A 211 -5.25 28.55 13.21
C PRO A 211 -5.77 29.40 14.36
N PRO A 212 -5.55 30.71 14.28
CA PRO A 212 -5.83 31.59 15.42
C PRO A 212 -7.24 31.52 15.93
N GLU A 213 -8.22 31.35 15.05
CA GLU A 213 -9.62 31.37 15.49
C GLU A 213 -9.99 30.15 16.32
N ASN A 214 -9.11 29.17 16.40
CA ASN A 214 -9.37 28.03 17.27
C ASN A 214 -8.78 28.23 18.66
N TYR A 215 -8.11 29.36 18.92
CA TYR A 215 -7.60 29.61 20.27
C TYR A 215 -8.76 30.00 21.21
N SER A 224 -15.27 23.89 12.62
CA SER A 224 -14.50 24.64 11.62
C SER A 224 -14.07 23.77 10.44
N ILE A 225 -14.42 24.21 9.22
CA ILE A 225 -14.13 23.48 8.00
C ILE A 225 -12.79 23.92 7.41
N LYS A 226 -12.16 24.90 8.05
CA LYS A 226 -10.97 25.56 7.47
C LYS A 226 -9.70 25.45 8.30
N HIS A 227 -9.68 24.44 9.16
CA HIS A 227 -8.56 24.23 10.06
C HIS A 227 -7.47 23.44 9.34
N ASP A 228 -7.79 22.28 8.81
CA ASP A 228 -6.78 21.45 8.16
C ASP A 228 -5.95 22.20 7.14
N ILE A 229 -6.56 23.09 6.36
CA ILE A 229 -5.81 23.81 5.31
C ILE A 229 -4.79 24.79 5.86
N TYR A 230 -5.09 25.37 7.01
CA TYR A 230 -4.11 26.20 7.75
C TYR A 230 -2.90 25.35 8.16
N SER A 231 -3.17 24.22 8.81
CA SER A 231 -2.13 23.30 9.18
C SER A 231 -1.29 22.94 7.96
N TYR A 232 -1.95 22.59 6.86
CA TYR A 232 -1.24 22.17 5.63
C TYR A 232 -0.33 23.25 5.06
N ALA A 233 -0.68 24.51 5.28
CA ALA A 233 0.16 25.63 4.81
C ALA A 233 1.48 25.73 5.61
N VAL A 234 1.36 25.58 6.92
CA VAL A 234 2.51 25.61 7.79
C VAL A 234 3.40 24.43 7.44
N ILE A 235 2.80 23.26 7.28
CA ILE A 235 3.50 22.05 6.89
C ILE A 235 4.24 22.27 5.56
N THR A 236 3.55 22.89 4.63
CA THR A 236 4.17 23.21 3.36
C THR A 236 5.37 24.14 3.56
N TRP A 237 5.22 25.20 4.34
CA TRP A 237 6.35 26.06 4.67
C TRP A 237 7.50 25.25 5.28
N GLU A 238 7.12 24.34 6.17
CA GLU A 238 8.06 23.52 6.88
C GLU A 238 8.82 22.58 5.93
N VAL A 239 8.09 22.00 4.97
CA VAL A 239 8.71 21.08 4.03
C VAL A 239 9.70 21.78 3.10
N LEU A 240 9.35 22.98 2.65
CA LEU A 240 10.19 23.71 1.71
C LEU A 240 11.39 24.40 2.36
N SER A 241 11.35 24.58 3.67
CA SER A 241 12.37 25.29 4.39
C SER A 241 13.27 24.41 5.23
N ARG A 242 12.70 23.32 5.72
CA ARG A 242 13.32 22.49 6.76
C ARG A 242 13.66 23.26 8.03
N LYS A 243 12.91 24.32 8.33
CA LYS A 243 13.07 25.02 9.59
C LYS A 243 11.92 24.70 10.50
N GLN A 244 12.15 24.83 11.81
CA GLN A 244 11.06 24.82 12.77
C GLN A 244 10.31 26.16 12.63
N PRO A 245 8.98 26.12 12.48
CA PRO A 245 8.24 27.35 12.57
C PRO A 245 8.42 27.99 13.94
N PHE A 246 8.80 29.27 13.97
CA PHE A 246 9.00 29.98 15.21
C PHE A 246 10.09 29.36 16.07
N GLU A 247 11.27 29.16 15.48
CA GLU A 247 12.45 28.62 16.21
C GLU A 247 12.93 29.58 17.27
N ASP A 248 13.14 30.84 16.88
CA ASP A 248 13.83 31.81 17.72
C ASP A 248 12.83 32.40 18.75
N VAL A 249 11.88 31.57 19.19
CA VAL A 249 10.71 31.99 20.01
C VAL A 249 10.43 30.99 21.14
N THR A 250 10.80 31.34 22.36
CA THR A 250 10.79 30.41 23.51
C THR A 250 9.37 29.98 23.95
N ASN A 251 8.55 30.97 24.33
CA ASN A 251 7.25 30.75 24.96
C ASN A 251 6.15 30.57 23.93
N PRO A 252 5.34 29.50 24.03
CA PRO A 252 4.31 29.32 22.99
C PRO A 252 3.11 30.27 23.11
N LEU A 253 2.94 30.92 24.26
CA LEU A 253 1.92 31.97 24.39
C LEU A 253 2.27 33.17 23.48
N GLN A 254 3.56 33.49 23.38
CA GLN A 254 4.00 34.54 22.47
C GLN A 254 3.69 34.16 21.04
N ILE A 255 3.78 32.88 20.74
CA ILE A 255 3.46 32.44 19.41
C ILE A 255 1.97 32.63 19.17
N MET A 256 1.14 32.24 20.11
CA MET A 256 -0.30 32.38 19.95
C MET A 256 -0.67 33.86 19.79
N TYR A 257 -0.04 34.72 20.56
CA TYR A 257 -0.30 36.12 20.39
C TYR A 257 0.10 36.62 19.01
N SER A 258 1.38 36.47 18.63
CA SER A 258 1.84 36.84 17.28
C SER A 258 0.91 36.36 16.17
N VAL A 259 0.42 35.14 16.27
CA VAL A 259 -0.44 34.59 15.25
C VAL A 259 -1.82 35.24 15.34
N SER A 260 -2.33 35.39 16.56
CA SER A 260 -3.53 36.18 16.81
C SER A 260 -3.51 37.48 15.99
N GLN A 261 -2.34 38.14 16.02
CA GLN A 261 -2.14 39.43 15.40
C GLN A 261 -1.73 39.38 13.92
N GLY A 262 -1.80 38.22 13.28
CA GLY A 262 -1.51 38.14 11.84
C GLY A 262 -0.12 37.75 11.39
N HIS A 263 0.81 37.57 12.31
CA HIS A 263 2.14 37.08 11.95
C HIS A 263 2.17 35.58 11.67
N ARG A 264 3.10 35.19 10.81
CA ARG A 264 3.25 33.81 10.35
C ARG A 264 4.75 33.52 10.22
N PRO A 265 5.14 32.25 10.11
CA PRO A 265 6.55 31.91 9.82
C PRO A 265 7.15 32.81 8.74
N VAL A 266 8.41 33.16 8.90
CA VAL A 266 9.04 34.14 8.06
C VAL A 266 9.30 33.60 6.66
N ILE A 267 8.92 34.35 5.63
CA ILE A 267 9.19 34.01 4.23
C ILE A 267 10.28 34.93 3.71
N ASN A 268 11.39 34.32 3.28
CA ASN A 268 12.71 34.91 3.29
C ASN A 268 13.61 34.23 2.26
N GLU A 269 14.73 34.84 1.89
CA GLU A 269 15.81 34.11 1.21
C GLU A 269 16.40 33.04 2.15
N GLU A 270 16.45 33.35 3.46
CA GLU A 270 17.00 32.42 4.48
C GLU A 270 16.08 31.22 4.72
N SER A 271 14.77 31.44 4.73
CA SER A 271 13.77 30.41 5.00
C SER A 271 13.43 29.61 3.75
N LEU A 272 13.02 30.31 2.69
CA LEU A 272 12.71 29.67 1.42
C LEU A 272 13.70 30.20 0.39
N PRO A 273 14.78 29.45 0.14
CA PRO A 273 15.78 29.96 -0.80
C PRO A 273 15.24 30.14 -2.24
N TYR A 274 15.93 30.99 -3.01
CA TYR A 274 15.46 31.40 -4.33
C TYR A 274 15.43 30.29 -5.40
N ASP A 275 16.10 29.17 -5.14
CA ASP A 275 16.15 28.05 -6.10
C ASP A 275 14.99 27.05 -6.01
N ILE A 276 14.05 27.26 -5.09
CA ILE A 276 12.90 26.35 -4.96
C ILE A 276 12.11 26.36 -6.27
N PRO A 277 11.88 25.18 -6.85
CA PRO A 277 11.02 25.14 -8.03
C PRO A 277 9.65 25.74 -7.74
N HIS A 278 9.16 26.58 -8.64
CA HIS A 278 7.83 27.15 -8.49
C HIS A 278 7.65 27.87 -7.18
N ARG A 279 8.75 28.44 -6.70
CA ARG A 279 8.74 29.18 -5.47
C ARG A 279 7.49 30.06 -5.34
N ALA A 280 7.19 30.83 -6.39
CA ALA A 280 6.15 31.84 -6.28
C ALA A 280 4.74 31.25 -6.26
N ARG A 281 4.47 30.21 -7.06
CA ARG A 281 3.19 29.50 -6.96
C ARG A 281 3.02 28.98 -5.54
N MET A 282 4.10 28.46 -4.99
CA MET A 282 4.08 27.82 -3.67
C MET A 282 3.91 28.81 -2.51
N ILE A 283 4.55 29.95 -2.61
CA ILE A 283 4.34 31.01 -1.63
C ILE A 283 2.90 31.48 -1.61
N SER A 284 2.29 31.63 -2.79
CA SER A 284 0.87 31.98 -2.90
C SER A 284 0.00 30.96 -2.23
N LEU A 285 0.33 29.69 -2.42
CA LEU A 285 -0.45 28.63 -1.84
C LEU A 285 -0.35 28.67 -0.31
N ILE A 286 0.84 28.95 0.20
CA ILE A 286 1.07 28.95 1.61
C ILE A 286 0.30 30.09 2.24
N GLU A 287 0.46 31.27 1.66
CA GLU A 287 -0.18 32.48 2.16
C GLU A 287 -1.71 32.47 2.05
N SER A 288 -2.26 31.87 1.00
CA SER A 288 -3.70 31.68 0.94
C SER A 288 -4.10 30.74 2.07
N GLY A 289 -3.36 29.65 2.17
CA GLY A 289 -3.65 28.60 3.13
C GLY A 289 -3.66 29.03 4.56
N TRP A 290 -2.80 29.97 4.93
CA TRP A 290 -2.77 30.43 6.31
C TRP A 290 -3.30 31.86 6.51
N ALA A 291 -4.20 32.29 5.64
CA ALA A 291 -4.76 33.63 5.75
C ALA A 291 -5.48 33.84 7.07
N GLN A 292 -5.33 35.02 7.66
CA GLN A 292 -6.08 35.36 8.87
C GLN A 292 -7.59 35.11 8.73
N ASN A 293 -8.12 35.40 7.55
CA ASN A 293 -9.52 35.17 7.25
C ASN A 293 -9.78 33.75 6.72
N PRO A 294 -10.41 32.89 7.55
CA PRO A 294 -10.75 31.54 7.11
C PRO A 294 -11.40 31.44 5.73
N ASP A 295 -12.19 32.44 5.34
CA ASP A 295 -12.90 32.38 4.05
C ASP A 295 -11.99 32.59 2.85
N GLU A 296 -10.84 33.21 3.06
CA GLU A 296 -9.87 33.35 1.98
C GLU A 296 -9.02 32.08 1.76
N ARG A 297 -9.06 31.15 2.71
CA ARG A 297 -8.28 29.92 2.60
C ARG A 297 -8.97 28.98 1.64
N PRO A 298 -8.20 28.27 0.80
CA PRO A 298 -8.78 27.37 -0.18
C PRO A 298 -9.18 26.01 0.34
N SER A 299 -9.97 25.33 -0.47
CA SER A 299 -10.23 23.93 -0.24
C SER A 299 -8.98 23.10 -0.61
N PHE A 300 -8.95 21.88 -0.08
CA PHE A 300 -7.97 20.92 -0.52
C PHE A 300 -8.15 20.52 -1.99
N LEU A 301 -9.37 20.51 -2.48
CA LEU A 301 -9.60 20.20 -3.88
C LEU A 301 -8.95 21.26 -4.78
N LYS A 302 -9.09 22.54 -4.40
CA LYS A 302 -8.43 23.64 -5.11
C LYS A 302 -6.91 23.50 -5.04
N CYS A 303 -6.42 23.14 -3.86
CA CYS A 303 -4.97 22.87 -3.68
C CYS A 303 -4.44 21.83 -4.63
N LEU A 304 -5.10 20.67 -4.68
CA LEU A 304 -4.69 19.60 -5.57
C LEU A 304 -4.65 20.03 -7.02
N ILE A 305 -5.63 20.84 -7.42
CA ILE A 305 -5.69 21.32 -8.79
C ILE A 305 -4.54 22.28 -9.06
N GLU A 306 -4.21 23.15 -8.12
CA GLU A 306 -3.08 24.03 -8.25
C GLU A 306 -1.78 23.23 -8.34
N LEU A 307 -1.69 22.14 -7.56
CA LEU A 307 -0.47 21.31 -7.50
C LEU A 307 -0.26 20.38 -8.67
N GLU A 308 -1.33 19.80 -9.20
CA GLU A 308 -1.19 18.82 -10.30
C GLU A 308 -0.20 19.24 -11.41
N PRO A 309 -0.33 20.46 -11.98
CA PRO A 309 0.65 20.84 -13.02
C PRO A 309 2.09 20.93 -12.51
N VAL A 310 2.29 21.37 -11.27
CA VAL A 310 3.63 21.40 -10.66
C VAL A 310 4.24 20.00 -10.65
N LEU A 311 3.48 19.03 -10.16
CA LEU A 311 3.93 17.66 -10.13
C LEU A 311 4.21 17.06 -11.52
N ARG A 312 3.47 17.50 -12.53
CA ARG A 312 3.63 16.96 -13.89
C ARG A 312 4.97 17.35 -14.55
N THR A 313 5.63 18.38 -14.01
CA THR A 313 6.96 18.86 -14.44
C THR A 313 8.09 17.87 -14.20
N PHE A 314 7.93 16.99 -13.22
CA PHE A 314 8.99 16.08 -12.83
C PHE A 314 8.91 14.80 -13.64
N GLU A 315 10.02 14.40 -14.26
CA GLU A 315 10.07 13.13 -15.00
C GLU A 315 10.00 12.02 -13.96
N GLU A 316 9.22 10.98 -14.26
CA GLU A 316 8.81 9.98 -13.26
C GLU A 316 9.97 9.22 -12.59
N ILE A 317 11.02 8.94 -13.36
CA ILE A 317 12.22 8.27 -12.82
C ILE A 317 12.87 9.11 -11.70
N THR A 318 12.74 10.43 -11.75
CA THR A 318 13.39 11.27 -10.74
C THR A 318 12.85 11.03 -9.33
N PHE A 319 11.61 10.57 -9.19
CA PHE A 319 11.09 10.33 -7.85
C PHE A 319 11.83 9.16 -7.21
N LEU A 320 11.90 8.07 -7.96
CA LEU A 320 12.64 6.91 -7.50
C LEU A 320 14.11 7.22 -7.20
N GLU A 321 14.73 8.05 -8.03
CA GLU A 321 16.13 8.42 -7.82
C GLU A 321 16.28 9.20 -6.52
N ALA A 322 15.35 10.10 -6.26
CA ALA A 322 15.36 10.84 -5.01
C ALA A 322 15.27 9.89 -3.84
N VAL A 323 14.42 8.88 -3.94
CA VAL A 323 14.26 7.92 -2.84
C VAL A 323 15.45 7.01 -2.66
N ILE A 324 16.01 6.48 -3.74
CA ILE A 324 17.17 5.60 -3.63
C ILE A 324 18.33 6.37 -2.93
N GLN A 325 18.54 7.63 -3.28
CA GLN A 325 19.58 8.43 -2.63
C GLN A 325 19.37 8.52 -1.12
N LEU A 326 18.17 8.88 -0.70
CA LEU A 326 17.88 8.93 0.72
C LEU A 326 18.20 7.63 1.45
N LYS A 327 17.71 6.51 0.94
CA LYS A 327 17.91 5.22 1.61
C LYS A 327 19.37 4.89 1.68
N LYS A 328 20.11 5.22 0.63
CA LYS A 328 21.53 4.97 0.64
C LYS A 328 22.21 5.79 1.72
N THR A 329 21.86 7.07 1.85
CA THR A 329 22.51 7.90 2.86
C THR A 329 22.07 7.47 4.28
N LYS A 330 20.78 7.24 4.45
CA LYS A 330 20.26 6.74 5.74
C LYS A 330 20.99 5.48 6.20
N LEU A 331 21.23 4.53 5.30
CA LEU A 331 21.88 3.28 5.70
C LEU A 331 23.32 3.53 6.17
N GLN A 332 23.88 4.73 5.98
CA GLN A 332 25.27 5.02 6.37
C GLN A 332 25.42 5.96 7.58
N SER A 333 24.37 6.11 8.37
CA SER A 333 24.40 7.03 9.47
C SER A 333 24.49 6.31 10.81
N ALA B 26 -20.57 0.60 4.87
CA ALA B 26 -19.11 0.51 5.19
C ALA B 26 -18.17 0.76 3.98
N LEU B 27 -18.72 0.76 2.78
CA LEU B 27 -17.92 0.77 1.54
C LEU B 27 -18.57 1.82 0.66
N PRO B 28 -17.80 2.82 0.21
CA PRO B 28 -18.39 3.95 -0.52
C PRO B 28 -19.15 3.52 -1.77
N THR B 29 -20.25 4.22 -2.05
CA THR B 29 -20.93 4.05 -3.30
C THR B 29 -20.54 5.20 -4.21
N ILE B 30 -19.93 4.85 -5.33
CA ILE B 30 -19.35 5.81 -6.21
C ILE B 30 -20.26 5.95 -7.39
N PRO B 31 -20.73 7.18 -7.64
CA PRO B 31 -21.56 7.40 -8.82
C PRO B 31 -20.74 7.32 -10.10
N TYR B 32 -21.31 6.68 -11.11
CA TYR B 32 -20.65 6.52 -12.40
C TYR B 32 -20.18 7.87 -12.98
N HIS B 33 -20.94 8.94 -12.76
CA HIS B 33 -20.57 10.22 -13.36
C HIS B 33 -19.38 10.86 -12.65
N LYS B 34 -19.00 10.33 -11.48
CA LYS B 34 -17.75 10.76 -10.82
C LYS B 34 -16.48 10.10 -11.44
N LEU B 35 -16.64 9.12 -12.34
CA LEU B 35 -15.52 8.48 -13.02
C LEU B 35 -15.21 9.08 -14.39
N ALA B 36 -14.08 9.74 -14.52
CA ALA B 36 -13.73 10.43 -15.78
C ALA B 36 -12.67 9.67 -16.57
N ASP B 37 -12.61 9.96 -17.86
CA ASP B 37 -11.64 9.38 -18.81
C ASP B 37 -11.53 7.85 -18.73
N LEU B 38 -12.63 7.16 -19.00
CA LEU B 38 -12.62 5.70 -19.04
C LEU B 38 -11.92 5.15 -20.26
N ARG B 39 -10.95 4.29 -20.06
CA ARG B 39 -10.25 3.64 -21.16
C ARG B 39 -10.25 2.13 -20.90
N TYR B 40 -10.70 1.37 -21.90
CA TYR B 40 -10.71 -0.09 -21.84
C TYR B 40 -9.33 -0.64 -21.45
N LEU B 41 -9.30 -1.80 -20.79
CA LEU B 41 -8.06 -2.52 -20.45
C LEU B 41 -8.16 -4.01 -20.73
N SER B 42 -9.19 -4.66 -20.15
CA SER B 42 -9.42 -6.09 -20.32
C SER B 42 -10.89 -6.36 -20.50
N ARG B 43 -11.20 -7.45 -21.19
CA ARG B 43 -12.54 -8.02 -21.24
C ARG B 43 -12.42 -9.39 -20.56
N GLY B 44 -12.26 -9.36 -19.23
CA GLY B 44 -12.07 -10.58 -18.43
C GLY B 44 -13.34 -11.41 -18.29
N ALA B 45 -13.36 -12.28 -17.28
CA ALA B 45 -14.56 -13.10 -17.01
C ALA B 45 -15.80 -12.25 -16.64
N SER B 46 -15.78 -11.64 -15.45
CA SER B 46 -16.99 -11.04 -14.86
C SER B 46 -17.42 -9.67 -15.41
N GLY B 47 -16.62 -9.10 -16.30
CA GLY B 47 -17.02 -7.89 -17.02
C GLY B 47 -15.86 -7.22 -17.76
N THR B 48 -16.03 -5.96 -18.13
CA THR B 48 -14.95 -5.17 -18.72
C THR B 48 -14.23 -4.47 -17.60
N VAL B 49 -12.92 -4.43 -17.71
CA VAL B 49 -12.11 -3.69 -16.77
C VAL B 49 -11.59 -2.46 -17.47
N SER B 50 -11.81 -1.30 -16.84
CA SER B 50 -11.44 -0.04 -17.43
C SER B 50 -10.68 0.82 -16.43
N SER B 51 -9.76 1.67 -16.92
CA SER B 51 -9.11 2.67 -16.09
C SER B 51 -9.92 3.95 -16.11
N ALA B 52 -9.80 4.74 -15.05
CA ALA B 52 -10.51 6.01 -14.95
C ALA B 52 -9.83 6.92 -13.92
N ARG B 53 -10.30 8.17 -13.84
CA ARG B 53 -9.86 9.13 -12.82
C ARG B 53 -11.11 9.58 -12.06
N HIS B 54 -11.04 9.51 -10.74
CA HIS B 54 -12.15 9.89 -9.87
C HIS B 54 -12.09 11.39 -9.77
N ALA B 55 -13.22 12.01 -9.97
CA ALA B 55 -13.25 13.45 -10.16
C ALA B 55 -12.99 14.23 -8.90
N ASP B 56 -13.41 13.71 -7.74
CA ASP B 56 -13.15 14.34 -6.43
C ASP B 56 -11.90 13.83 -5.64
N TRP B 57 -11.53 12.56 -5.81
CA TRP B 57 -10.39 12.02 -5.08
C TRP B 57 -9.11 12.29 -5.85
N ARG B 58 -9.24 12.52 -7.16
CA ARG B 58 -8.09 12.92 -7.98
C ARG B 58 -7.02 11.85 -8.03
N VAL B 59 -7.45 10.59 -8.04
CA VAL B 59 -6.55 9.45 -8.15
C VAL B 59 -7.05 8.64 -9.29
N GLN B 60 -6.19 7.80 -9.85
CA GLN B 60 -6.60 6.89 -10.92
C GLN B 60 -7.22 5.69 -10.26
N VAL B 61 -8.15 5.06 -10.96
CA VAL B 61 -8.81 3.88 -10.44
C VAL B 61 -9.00 2.83 -11.56
N ALA B 62 -9.29 1.61 -11.15
CA ALA B 62 -9.77 0.59 -12.08
C ALA B 62 -11.22 0.34 -11.74
N VAL B 63 -12.01 0.01 -12.73
CA VAL B 63 -13.41 -0.29 -12.50
C VAL B 63 -13.83 -1.49 -13.33
N LYS B 64 -14.47 -2.45 -12.68
CA LYS B 64 -14.94 -3.68 -13.29
C LYS B 64 -16.46 -3.55 -13.38
N HIS B 65 -16.97 -3.44 -14.60
CA HIS B 65 -18.41 -3.22 -14.83
C HIS B 65 -18.96 -4.35 -15.69
N LEU B 66 -20.00 -5.02 -15.19
CA LEU B 66 -20.59 -6.16 -15.92
C LEU B 66 -21.32 -5.68 -17.18
N LEU B 72 -30.79 -10.49 -14.45
CA LEU B 72 -31.71 -10.03 -13.43
C LEU B 72 -31.13 -8.87 -12.60
N LEU B 73 -31.98 -7.90 -12.27
CA LEU B 73 -31.66 -6.88 -11.25
C LEU B 73 -31.71 -7.52 -9.85
N ASP B 74 -32.31 -8.70 -9.75
CA ASP B 74 -32.19 -9.55 -8.56
C ASP B 74 -30.75 -10.10 -8.40
N SER B 75 -30.39 -11.06 -9.26
CA SER B 75 -29.22 -11.96 -9.04
C SER B 75 -27.84 -11.51 -9.56
N GLU B 76 -27.77 -10.80 -10.69
CA GLU B 76 -26.51 -10.23 -11.20
C GLU B 76 -25.85 -9.33 -10.13
N ARG B 77 -26.68 -8.52 -9.47
CA ARG B 77 -26.24 -7.68 -8.35
C ARG B 77 -25.51 -8.51 -7.28
N LYS B 78 -26.16 -9.58 -6.82
CA LYS B 78 -25.60 -10.43 -5.77
C LYS B 78 -24.20 -10.96 -6.10
N ASP B 79 -23.97 -11.34 -7.36
CA ASP B 79 -22.66 -11.81 -7.81
C ASP B 79 -21.59 -10.72 -7.67
N VAL B 80 -21.96 -9.48 -7.99
CA VAL B 80 -21.09 -8.32 -7.82
C VAL B 80 -20.95 -7.95 -6.33
N LEU B 81 -22.06 -7.90 -5.61
CA LEU B 81 -22.02 -7.58 -4.19
C LEU B 81 -21.28 -8.65 -3.39
N ARG B 82 -21.38 -9.92 -3.80
CA ARG B 82 -20.64 -10.98 -3.13
C ARG B 82 -19.14 -10.76 -3.35
N GLU B 83 -18.75 -10.37 -4.57
CA GLU B 83 -17.34 -10.11 -4.90
C GLU B 83 -16.77 -8.93 -4.12
N ALA B 84 -17.53 -7.86 -4.03
CA ALA B 84 -17.08 -6.68 -3.29
C ALA B 84 -16.97 -6.98 -1.81
N GLU B 85 -17.92 -7.74 -1.27
CA GLU B 85 -17.84 -8.18 0.13
C GLU B 85 -16.53 -8.92 0.37
N ILE B 86 -16.15 -9.80 -0.55
CA ILE B 86 -14.95 -10.60 -0.42
C ILE B 86 -13.75 -9.69 -0.39
N LEU B 87 -13.58 -8.90 -1.44
CA LEU B 87 -12.43 -7.99 -1.51
C LEU B 87 -12.32 -7.08 -0.30
N HIS B 88 -13.45 -6.61 0.19
CA HIS B 88 -13.49 -5.75 1.34
C HIS B 88 -13.10 -6.50 2.63
N LYS B 89 -13.60 -7.73 2.80
CA LYS B 89 -13.25 -8.55 3.94
C LYS B 89 -11.76 -8.88 3.91
N ALA B 90 -11.17 -8.92 2.71
CA ALA B 90 -9.79 -9.34 2.56
C ALA B 90 -8.75 -8.22 2.44
N ARG B 91 -8.98 -7.06 3.05
CA ARG B 91 -8.03 -5.94 2.96
C ARG B 91 -6.72 -6.34 3.56
N PHE B 92 -5.65 -6.04 2.83
CA PHE B 92 -4.29 -6.39 3.24
C PHE B 92 -3.26 -5.83 2.25
N SER B 93 -2.05 -5.61 2.72
CA SER B 93 -0.99 -4.98 1.93
C SER B 93 -0.80 -5.60 0.51
N TYR B 94 -1.03 -6.90 0.37
CA TYR B 94 -0.73 -7.61 -0.89
C TYR B 94 -1.96 -8.20 -1.60
N ILE B 95 -3.13 -7.63 -1.28
CA ILE B 95 -4.38 -7.91 -1.95
C ILE B 95 -4.86 -6.64 -2.59
N LEU B 96 -5.29 -6.73 -3.84
CA LEU B 96 -5.83 -5.56 -4.56
C LEU B 96 -6.88 -4.79 -3.71
N PRO B 97 -6.62 -3.49 -3.40
CA PRO B 97 -7.53 -2.72 -2.56
C PRO B 97 -8.77 -2.21 -3.29
N ILE B 98 -9.93 -2.57 -2.77
CA ILE B 98 -11.21 -2.10 -3.28
C ILE B 98 -11.52 -0.72 -2.73
N LEU B 99 -11.98 0.18 -3.57
CA LEU B 99 -12.28 1.56 -3.13
C LEU B 99 -13.77 1.84 -3.03
N GLY B 100 -14.59 1.13 -3.79
CA GLY B 100 -16.03 1.33 -3.77
C GLY B 100 -16.81 0.51 -4.77
N ILE B 101 -18.13 0.61 -4.69
CA ILE B 101 -19.02 -0.06 -5.65
C ILE B 101 -19.77 0.99 -6.47
N CYS B 102 -19.99 0.66 -7.73
CA CYS B 102 -20.92 1.43 -8.54
C CYS B 102 -22.20 0.65 -8.60
N ASN B 103 -23.29 1.31 -8.23
CA ASN B 103 -24.59 0.67 -8.12
C ASN B 103 -25.69 1.63 -8.55
N GLU B 104 -25.93 1.68 -9.85
CA GLU B 104 -26.93 2.55 -10.43
C GLU B 104 -27.74 1.80 -11.49
N PRO B 105 -28.91 2.35 -11.87
CA PRO B 105 -29.69 1.72 -12.93
C PRO B 105 -28.90 1.56 -14.24
N GLU B 106 -28.07 2.55 -14.56
CA GLU B 106 -27.32 2.58 -15.81
C GLU B 106 -25.98 1.80 -15.79
N PHE B 107 -25.50 1.43 -14.59
CA PHE B 107 -24.10 1.02 -14.44
C PHE B 107 -23.85 0.30 -13.11
N LEU B 108 -23.26 -0.89 -13.19
CA LEU B 108 -22.98 -1.71 -12.03
C LEU B 108 -21.52 -2.19 -12.07
N GLY B 109 -20.78 -1.94 -10.99
CA GLY B 109 -19.38 -2.36 -10.94
C GLY B 109 -18.63 -2.20 -9.63
N ILE B 110 -17.37 -2.60 -9.65
CA ILE B 110 -16.49 -2.49 -8.50
C ILE B 110 -15.32 -1.59 -8.90
N VAL B 111 -14.98 -0.65 -8.02
CA VAL B 111 -13.85 0.24 -8.23
C VAL B 111 -12.71 -0.18 -7.30
N THR B 112 -11.51 -0.30 -7.85
CA THR B 112 -10.31 -0.64 -7.06
C THR B 112 -9.22 0.34 -7.38
N GLU B 113 -8.09 0.22 -6.68
CA GLU B 113 -6.90 0.96 -7.05
C GLU B 113 -6.44 0.46 -8.40
N TYR B 114 -5.76 1.33 -9.13
CA TYR B 114 -5.25 1.02 -10.45
C TYR B 114 -3.77 0.65 -10.36
N MET B 115 -3.38 -0.43 -11.03
CA MET B 115 -2.01 -0.96 -11.00
C MET B 115 -1.35 -0.68 -12.35
N PRO B 116 -0.53 0.37 -12.41
CA PRO B 116 0.03 0.88 -13.66
C PRO B 116 1.00 -0.04 -14.38
N ASN B 117 1.62 -0.98 -13.66
CA ASN B 117 2.62 -1.87 -14.27
C ASN B 117 2.10 -3.25 -14.65
N GLY B 118 0.79 -3.38 -14.76
CA GLY B 118 0.20 -4.60 -15.33
C GLY B 118 0.41 -5.85 -14.51
N SER B 119 0.42 -6.99 -15.18
CA SER B 119 0.49 -8.28 -14.52
C SER B 119 1.89 -8.87 -14.54
N LEU B 120 2.14 -9.78 -13.60
CA LEU B 120 3.39 -10.55 -13.55
C LEU B 120 3.66 -11.27 -14.87
N ASN B 121 2.59 -11.73 -15.50
CA ASN B 121 2.70 -12.39 -16.78
C ASN B 121 3.46 -11.55 -17.82
N GLU B 122 3.13 -10.27 -17.87
CA GLU B 122 3.74 -9.37 -18.82
C GLU B 122 5.19 -9.14 -18.46
N LEU B 123 5.46 -8.95 -17.18
CA LEU B 123 6.84 -8.76 -16.74
C LEU B 123 7.76 -9.90 -17.19
N LEU B 124 7.27 -11.15 -17.06
CA LEU B 124 8.09 -12.34 -17.31
C LEU B 124 8.32 -12.63 -18.77
N HIS B 125 7.31 -12.37 -19.60
CA HIS B 125 7.34 -12.89 -20.96
C HIS B 125 7.53 -11.82 -22.04
N ARG B 126 7.35 -10.54 -21.70
CA ARG B 126 7.72 -9.46 -22.62
C ARG B 126 9.20 -9.14 -22.53
N LYS B 127 10.02 -9.99 -23.15
CA LYS B 127 11.48 -9.86 -23.11
C LYS B 127 12.05 -8.72 -23.95
N THR B 128 11.26 -8.17 -24.88
CA THR B 128 11.69 -6.99 -25.61
C THR B 128 11.64 -5.78 -24.67
N GLU B 129 10.53 -5.62 -23.95
CA GLU B 129 10.33 -4.49 -23.04
C GLU B 129 11.12 -4.59 -21.71
N TYR B 130 11.29 -5.83 -21.23
CA TYR B 130 11.90 -6.10 -19.93
C TYR B 130 12.99 -7.17 -20.10
N PRO B 131 14.12 -6.82 -20.73
CA PRO B 131 15.14 -7.82 -21.03
C PRO B 131 15.94 -8.36 -19.82
N ASP B 132 15.98 -7.60 -18.74
CA ASP B 132 16.64 -8.05 -17.48
C ASP B 132 15.66 -7.81 -16.33
N VAL B 133 15.37 -8.83 -15.56
CA VAL B 133 14.59 -8.66 -14.37
C VAL B 133 15.41 -9.23 -13.20
N ALA B 134 16.14 -8.36 -12.51
CA ALA B 134 17.09 -8.75 -11.48
C ALA B 134 16.52 -9.70 -10.43
N TRP B 135 17.38 -10.59 -9.96
CA TRP B 135 16.95 -11.64 -9.05
C TRP B 135 16.23 -11.13 -7.81
N PRO B 136 16.74 -10.07 -7.18
CA PRO B 136 16.12 -9.71 -5.89
C PRO B 136 14.66 -9.29 -6.05
N LEU B 137 14.37 -8.53 -7.10
CA LEU B 137 13.00 -8.14 -7.40
C LEU B 137 12.12 -9.38 -7.59
N ARG B 138 12.66 -10.39 -8.24
CA ARG B 138 11.93 -11.63 -8.43
C ARG B 138 11.61 -12.35 -7.12
N PHE B 139 12.54 -12.33 -6.18
CA PHE B 139 12.29 -12.99 -4.92
C PHE B 139 11.31 -12.20 -4.08
N ARG B 140 11.43 -10.88 -4.13
CA ARG B 140 10.50 -10.03 -3.44
C ARG B 140 9.06 -10.36 -3.91
N ILE B 141 8.91 -10.50 -5.23
CA ILE B 141 7.60 -10.76 -5.81
C ILE B 141 7.06 -12.08 -5.29
N LEU B 142 7.92 -13.09 -5.27
CA LEU B 142 7.48 -14.40 -4.81
C LEU B 142 7.12 -14.35 -3.35
N HIS B 143 7.92 -13.63 -2.57
CA HIS B 143 7.68 -13.51 -1.15
C HIS B 143 6.30 -12.90 -0.97
N GLU B 144 6.01 -11.83 -1.71
CA GLU B 144 4.77 -11.08 -1.52
C GLU B 144 3.52 -11.82 -1.98
N ILE B 145 3.66 -12.64 -3.02
CA ILE B 145 2.55 -13.49 -3.45
C ILE B 145 2.19 -14.42 -2.29
N ALA B 146 3.22 -14.99 -1.67
CA ALA B 146 3.05 -15.88 -0.54
C ALA B 146 2.41 -15.18 0.65
N LEU B 147 2.85 -13.95 0.93
CA LEU B 147 2.25 -13.19 2.01
C LEU B 147 0.76 -12.92 1.75
N GLY B 148 0.40 -12.75 0.48
CA GLY B 148 -1.01 -12.46 0.13
C GLY B 148 -1.90 -13.67 0.28
N VAL B 149 -1.48 -14.78 -0.34
CA VAL B 149 -2.27 -15.99 -0.32
C VAL B 149 -2.37 -16.49 1.12
N ASN B 150 -1.28 -16.38 1.86
CA ASN B 150 -1.25 -16.78 3.25
C ASN B 150 -2.31 -16.05 4.09
N TYR B 151 -2.44 -14.76 3.86
CA TYR B 151 -3.43 -13.99 4.59
C TYR B 151 -4.83 -14.52 4.27
N LEU B 152 -5.09 -14.83 3.01
CA LEU B 152 -6.39 -15.36 2.64
C LEU B 152 -6.67 -16.65 3.40
N HIS B 153 -5.67 -17.51 3.43
CA HIS B 153 -5.81 -18.80 4.12
C HIS B 153 -5.98 -18.64 5.63
N ASN B 154 -5.56 -17.51 6.19
CA ASN B 154 -5.71 -17.26 7.62
C ASN B 154 -6.95 -16.49 8.05
N MET B 155 -7.86 -16.22 7.12
CA MET B 155 -9.07 -15.49 7.47
C MET B 155 -10.07 -16.44 8.13
N THR B 156 -11.13 -15.87 8.68
CA THR B 156 -12.17 -16.66 9.33
C THR B 156 -13.55 -16.39 8.71
N PRO B 157 -14.08 -17.37 7.97
CA PRO B 157 -13.37 -18.59 7.58
C PRO B 157 -12.27 -18.29 6.54
N PRO B 158 -11.41 -19.28 6.25
CA PRO B 158 -10.39 -19.10 5.24
C PRO B 158 -10.96 -18.82 3.87
N LEU B 159 -10.33 -17.91 3.13
CA LEU B 159 -10.54 -17.75 1.69
C LEU B 159 -9.49 -18.55 0.93
N LEU B 160 -9.94 -19.27 -0.08
CA LEU B 160 -9.06 -20.02 -0.96
C LEU B 160 -9.15 -19.40 -2.34
N HIS B 161 -8.01 -19.21 -2.99
CA HIS B 161 -8.00 -18.44 -4.21
C HIS B 161 -8.47 -19.32 -5.35
N HIS B 162 -7.74 -20.42 -5.58
CA HIS B 162 -8.14 -21.48 -6.54
C HIS B 162 -8.14 -21.06 -8.01
N ASP B 163 -7.47 -19.96 -8.31
CA ASP B 163 -7.29 -19.52 -9.66
C ASP B 163 -6.00 -18.68 -9.77
N LEU B 164 -5.00 -18.98 -8.95
CA LEU B 164 -3.74 -18.29 -9.09
C LEU B 164 -3.08 -18.58 -10.44
N LYS B 165 -2.65 -17.51 -11.10
CA LYS B 165 -1.79 -17.62 -12.25
C LYS B 165 -1.07 -16.29 -12.36
N THR B 166 -0.10 -16.19 -13.25
CA THR B 166 0.66 -14.94 -13.37
C THR B 166 -0.17 -13.76 -13.88
N GLN B 167 -1.21 -14.06 -14.67
CA GLN B 167 -2.18 -13.07 -15.12
C GLN B 167 -2.93 -12.38 -13.98
N ASN B 168 -3.08 -13.07 -12.86
CA ASN B 168 -3.79 -12.56 -11.69
C ASN B 168 -2.92 -11.89 -10.64
N ILE B 169 -1.62 -11.76 -10.92
CA ILE B 169 -0.72 -11.09 -10.01
C ILE B 169 -0.42 -9.73 -10.60
N LEU B 170 -0.81 -8.68 -9.90
CA LEU B 170 -0.62 -7.33 -10.42
C LEU B 170 0.52 -6.66 -9.70
N LEU B 171 1.02 -5.57 -10.30
CA LEU B 171 2.23 -4.89 -9.85
C LEU B 171 1.98 -3.38 -9.81
N ASP B 172 2.17 -2.80 -8.62
CA ASP B 172 1.88 -1.39 -8.40
C ASP B 172 3.02 -0.50 -8.94
N ASN B 173 3.00 0.79 -8.63
CA ASN B 173 3.96 1.72 -9.21
C ASN B 173 5.40 1.40 -8.84
N GLU B 174 5.63 0.79 -7.67
CA GLU B 174 6.99 0.32 -7.33
C GLU B 174 7.21 -1.20 -7.45
N PHE B 175 6.37 -1.86 -8.25
CA PHE B 175 6.49 -3.30 -8.53
C PHE B 175 6.27 -4.17 -7.29
N HIS B 176 5.51 -3.68 -6.33
CA HIS B 176 5.01 -4.51 -5.26
C HIS B 176 3.76 -5.22 -5.74
N VAL B 177 3.50 -6.38 -5.17
CA VAL B 177 2.47 -7.29 -5.65
C VAL B 177 1.12 -6.96 -5.06
N LYS B 178 0.11 -7.00 -5.91
CA LYS B 178 -1.27 -7.03 -5.49
C LYS B 178 -1.96 -8.21 -6.17
N ILE B 179 -2.50 -9.11 -5.35
CA ILE B 179 -3.15 -10.32 -5.86
C ILE B 179 -4.54 -9.97 -6.26
N ALA B 180 -4.97 -10.55 -7.36
CA ALA B 180 -6.30 -10.28 -7.88
C ALA B 180 -6.92 -11.56 -8.42
N ASP B 181 -8.11 -11.44 -8.99
CA ASP B 181 -8.75 -12.55 -9.70
C ASP B 181 -9.68 -11.99 -10.74
N PHE B 182 -9.69 -12.58 -11.93
CA PHE B 182 -10.46 -12.00 -13.05
C PHE B 182 -11.58 -12.87 -13.62
N GLY B 205 -3.99 -23.94 -21.54
CA GLY B 205 -3.01 -22.99 -20.97
C GLY B 205 -3.22 -22.72 -19.49
N THR B 206 -4.50 -22.62 -19.09
CA THR B 206 -4.93 -22.40 -17.72
C THR B 206 -4.65 -23.62 -16.81
N ILE B 207 -4.85 -24.83 -17.35
CA ILE B 207 -4.69 -26.05 -16.56
C ILE B 207 -3.29 -26.29 -16.00
N ILE B 208 -2.28 -25.58 -16.49
CA ILE B 208 -0.90 -25.82 -16.01
C ILE B 208 -0.69 -25.47 -14.53
N TYR B 209 -1.52 -24.58 -14.00
CA TYR B 209 -1.44 -24.18 -12.60
C TYR B 209 -2.30 -25.06 -11.69
N MET B 210 -3.02 -26.02 -12.29
CA MET B 210 -3.98 -26.85 -11.56
C MET B 210 -3.38 -28.19 -11.13
N PRO B 211 -3.62 -28.58 -9.86
CA PRO B 211 -3.03 -29.83 -9.40
C PRO B 211 -3.83 -31.03 -9.91
N PRO B 212 -3.18 -32.17 -10.12
CA PRO B 212 -3.80 -33.29 -10.81
C PRO B 212 -5.06 -33.80 -10.16
N GLU B 213 -5.13 -33.77 -8.83
CA GLU B 213 -6.32 -34.26 -8.13
C GLU B 213 -7.55 -33.37 -8.30
N ASN B 214 -7.38 -32.19 -8.89
CA ASN B 214 -8.54 -31.38 -9.21
C ASN B 214 -9.00 -31.54 -10.65
N TYR B 215 -8.39 -32.42 -11.43
CA TYR B 215 -8.87 -32.62 -12.79
C TYR B 215 -10.31 -33.15 -12.74
N GLU B 216 -10.59 -34.10 -11.87
CA GLU B 216 -11.95 -34.65 -11.68
C GLU B 216 -12.70 -33.73 -10.74
N PRO B 217 -13.58 -32.89 -11.28
CA PRO B 217 -14.26 -31.89 -10.45
C PRO B 217 -15.13 -32.48 -9.32
N GLY B 218 -15.61 -31.63 -8.42
CA GLY B 218 -16.52 -32.08 -7.37
C GLY B 218 -16.43 -31.28 -6.08
N GLN B 219 -17.03 -31.84 -5.02
CA GLN B 219 -16.98 -31.24 -3.67
C GLN B 219 -15.64 -31.51 -2.95
N LYS B 220 -14.86 -32.48 -3.46
CA LYS B 220 -13.48 -32.70 -2.99
C LYS B 220 -12.56 -31.59 -3.52
N SER B 221 -12.54 -31.43 -4.84
CA SER B 221 -11.76 -30.38 -5.53
C SER B 221 -12.03 -28.96 -5.01
N ARG B 222 -13.29 -28.69 -4.66
CA ARG B 222 -13.70 -27.37 -4.15
C ARG B 222 -13.14 -27.10 -2.73
N ALA B 223 -13.15 -28.11 -1.85
CA ALA B 223 -12.72 -27.91 -0.44
C ALA B 223 -11.23 -28.23 -0.25
N SER B 224 -10.50 -28.34 -1.36
CA SER B 224 -9.09 -28.68 -1.31
C SER B 224 -8.33 -27.51 -0.73
N ILE B 225 -7.56 -27.78 0.34
CA ILE B 225 -6.80 -26.76 1.03
C ILE B 225 -5.38 -26.71 0.47
N LYS B 226 -5.08 -27.54 -0.54
CA LYS B 226 -3.71 -27.69 -1.05
C LYS B 226 -3.56 -27.37 -2.53
N HIS B 227 -4.50 -26.59 -3.03
CA HIS B 227 -4.53 -26.21 -4.44
C HIS B 227 -3.61 -25.00 -4.65
N ASP B 228 -3.89 -23.89 -3.96
CA ASP B 228 -3.11 -22.66 -4.14
C ASP B 228 -1.59 -22.90 -4.11
N ILE B 229 -1.11 -23.79 -3.23
CA ILE B 229 0.33 -24.01 -3.11
C ILE B 229 0.94 -24.72 -4.33
N TYR B 230 0.16 -25.57 -4.99
CA TYR B 230 0.56 -26.18 -6.26
C TYR B 230 0.70 -25.09 -7.34
N SER B 231 -0.32 -24.25 -7.48
CA SER B 231 -0.25 -23.12 -8.39
C SER B 231 0.97 -22.25 -8.11
N TYR B 232 1.21 -21.92 -6.84
CA TYR B 232 2.36 -21.07 -6.45
C TYR B 232 3.72 -21.71 -6.82
N ALA B 233 3.80 -23.03 -6.85
CA ALA B 233 5.05 -23.71 -7.21
C ALA B 233 5.37 -23.55 -8.68
N VAL B 234 4.33 -23.69 -9.51
CA VAL B 234 4.46 -23.52 -10.94
C VAL B 234 4.83 -22.08 -11.24
N ILE B 235 4.13 -21.14 -10.61
CA ILE B 235 4.43 -19.72 -10.71
C ILE B 235 5.89 -19.46 -10.34
N THR B 236 6.35 -20.11 -9.29
CA THR B 236 7.72 -19.95 -8.86
C THR B 236 8.66 -20.43 -9.95
N TRP B 237 8.41 -21.62 -10.47
CA TRP B 237 9.23 -22.14 -11.56
C TRP B 237 9.22 -21.12 -12.72
N GLU B 238 8.05 -20.58 -12.99
CA GLU B 238 7.85 -19.64 -14.08
C GLU B 238 8.63 -18.36 -13.88
N VAL B 239 8.62 -17.85 -12.65
CA VAL B 239 9.34 -16.63 -12.34
C VAL B 239 10.87 -16.80 -12.46
N LEU B 240 11.38 -17.94 -12.00
CA LEU B 240 12.82 -18.16 -12.03
C LEU B 240 13.37 -18.55 -13.40
N SER B 241 12.49 -18.98 -14.30
CA SER B 241 12.91 -19.48 -15.62
C SER B 241 12.53 -18.53 -16.77
N ARG B 242 11.44 -17.81 -16.60
CA ARG B 242 10.80 -17.02 -17.66
C ARG B 242 10.46 -17.89 -18.87
N LYS B 243 10.20 -19.17 -18.64
CA LYS B 243 9.71 -20.06 -19.68
C LYS B 243 8.23 -20.31 -19.46
N GLN B 244 7.52 -20.62 -20.53
CA GLN B 244 6.17 -21.15 -20.41
C GLN B 244 6.28 -22.59 -19.91
N PRO B 245 5.51 -22.93 -18.88
CA PRO B 245 5.45 -24.33 -18.49
C PRO B 245 4.88 -25.18 -19.62
N PHE B 246 5.59 -26.24 -19.98
CA PHE B 246 5.16 -27.14 -21.04
C PHE B 246 5.06 -26.44 -22.38
N GLU B 247 6.14 -25.75 -22.76
CA GLU B 247 6.22 -25.09 -24.06
C GLU B 247 6.19 -26.15 -25.16
N ASP B 248 6.99 -27.20 -24.99
CA ASP B 248 7.14 -28.26 -26.01
C ASP B 248 5.87 -29.02 -26.41
N VAL B 249 4.92 -29.23 -25.50
CA VAL B 249 3.69 -29.99 -25.84
C VAL B 249 2.51 -29.13 -26.34
N THR B 250 2.02 -29.48 -27.54
CA THR B 250 0.94 -28.75 -28.22
C THR B 250 -0.43 -28.87 -27.51
N ASN B 251 -0.87 -30.11 -27.28
CA ASN B 251 -2.22 -30.43 -26.77
C ASN B 251 -2.28 -30.38 -25.24
N PRO B 252 -3.24 -29.62 -24.66
CA PRO B 252 -3.28 -29.56 -23.19
C PRO B 252 -3.81 -30.83 -22.50
N LEU B 253 -4.47 -31.73 -23.23
CA LEU B 253 -4.82 -33.04 -22.67
C LEU B 253 -3.57 -33.90 -22.40
N GLN B 254 -2.56 -33.82 -23.27
CA GLN B 254 -1.30 -34.53 -23.03
C GLN B 254 -0.62 -33.93 -21.80
N ILE B 255 -0.80 -32.63 -21.54
CA ILE B 255 -0.27 -32.05 -20.32
C ILE B 255 -0.98 -32.65 -19.12
N MET B 256 -2.30 -32.71 -19.17
CA MET B 256 -3.04 -33.25 -18.06
C MET B 256 -2.63 -34.69 -17.80
N TYR B 257 -2.43 -35.46 -18.86
CA TYR B 257 -2.01 -36.85 -18.71
C TYR B 257 -0.63 -36.95 -18.05
N SER B 258 0.37 -36.30 -18.64
CA SER B 258 1.72 -36.20 -18.04
C SER B 258 1.72 -35.82 -16.55
N VAL B 259 0.88 -34.83 -16.19
CA VAL B 259 0.82 -34.37 -14.80
C VAL B 259 0.12 -35.42 -13.94
N SER B 260 -0.98 -35.98 -14.45
CA SER B 260 -1.64 -37.15 -13.82
C SER B 260 -0.58 -38.17 -13.40
N GLN B 261 0.38 -38.40 -14.28
CA GLN B 261 1.40 -39.44 -14.11
C GLN B 261 2.65 -38.94 -13.36
N GLY B 262 2.60 -37.75 -12.76
CA GLY B 262 3.73 -37.27 -11.94
C GLY B 262 4.76 -36.35 -12.57
N HIS B 263 4.69 -36.12 -13.87
CA HIS B 263 5.62 -35.19 -14.55
C HIS B 263 5.26 -33.73 -14.26
N ARG B 264 6.28 -32.89 -14.31
CA ARG B 264 6.18 -31.46 -13.98
C ARG B 264 7.11 -30.69 -14.91
N PRO B 265 6.98 -29.35 -14.99
CA PRO B 265 7.94 -28.56 -15.77
C PRO B 265 9.37 -28.99 -15.54
N VAL B 266 10.18 -28.97 -16.59
CA VAL B 266 11.53 -29.53 -16.52
C VAL B 266 12.42 -28.64 -15.67
N ILE B 267 13.17 -29.26 -14.77
CA ILE B 267 14.19 -28.57 -13.98
C ILE B 267 15.58 -29.00 -14.42
N ASN B 268 16.42 -28.04 -14.78
CA ASN B 268 17.79 -28.35 -15.26
C ASN B 268 18.59 -27.07 -15.42
N GLU B 269 19.76 -27.16 -16.04
CA GLU B 269 20.57 -25.95 -16.33
C GLU B 269 19.91 -25.00 -17.36
N GLU B 270 19.19 -25.54 -18.35
CA GLU B 270 18.53 -24.73 -19.39
C GLU B 270 17.30 -23.97 -18.86
N SER B 271 16.54 -24.59 -17.98
CA SER B 271 15.32 -24.01 -17.40
C SER B 271 15.65 -23.08 -16.24
N LEU B 272 16.36 -23.64 -15.26
CA LEU B 272 16.80 -22.88 -14.08
C LEU B 272 18.33 -22.86 -14.06
N PRO B 273 18.92 -21.78 -14.58
CA PRO B 273 20.38 -21.74 -14.67
C PRO B 273 21.08 -21.75 -13.31
N TYR B 274 22.36 -22.13 -13.30
CA TYR B 274 23.10 -22.36 -12.05
C TYR B 274 23.36 -21.11 -11.21
N ASP B 275 23.18 -19.94 -11.82
CA ASP B 275 23.44 -18.66 -11.14
C ASP B 275 22.28 -18.13 -10.30
N ILE B 276 21.15 -18.82 -10.30
CA ILE B 276 20.02 -18.43 -9.47
C ILE B 276 20.45 -18.48 -7.99
N PRO B 277 20.25 -17.38 -7.26
CA PRO B 277 20.58 -17.41 -5.83
C PRO B 277 19.79 -18.47 -5.13
N HIS B 278 20.42 -19.23 -4.26
CA HIS B 278 19.72 -20.25 -3.50
C HIS B 278 18.97 -21.23 -4.38
N ARG B 279 19.50 -21.47 -5.56
CA ARG B 279 18.92 -22.40 -6.50
C ARG B 279 18.37 -23.64 -5.78
N ALA B 280 19.20 -24.24 -4.92
CA ALA B 280 18.85 -25.53 -4.33
C ALA B 280 17.74 -25.47 -3.28
N ARG B 281 17.73 -24.43 -2.43
CA ARG B 281 16.58 -24.22 -1.54
C ARG B 281 15.31 -24.03 -2.36
N MET B 282 15.42 -23.31 -3.46
CA MET B 282 14.27 -22.95 -4.30
C MET B 282 13.69 -24.13 -5.07
N ILE B 283 14.56 -24.99 -5.57
CA ILE B 283 14.14 -26.22 -6.21
C ILE B 283 13.38 -27.13 -5.23
N SER B 284 13.89 -27.25 -4.01
CA SER B 284 13.20 -27.97 -2.95
C SER B 284 11.82 -27.41 -2.69
N LEU B 285 11.72 -26.10 -2.67
CA LEU B 285 10.45 -25.47 -2.38
C LEU B 285 9.45 -25.75 -3.50
N ILE B 286 9.93 -25.71 -4.74
CA ILE B 286 9.08 -25.92 -5.90
C ILE B 286 8.57 -27.33 -5.89
N GLU B 287 9.49 -28.26 -5.68
CA GLU B 287 9.17 -29.68 -5.70
C GLU B 287 8.27 -30.09 -4.55
N SER B 288 8.45 -29.54 -3.36
CA SER B 288 7.53 -29.86 -2.27
C SER B 288 6.17 -29.28 -2.65
N GLY B 289 6.18 -28.08 -3.17
CA GLY B 289 4.95 -27.39 -3.54
C GLY B 289 4.08 -28.09 -4.56
N TRP B 290 4.71 -28.75 -5.54
CA TRP B 290 3.95 -29.43 -6.58
C TRP B 290 4.02 -30.94 -6.48
N ALA B 291 4.21 -31.44 -5.26
CA ALA B 291 4.27 -32.88 -5.05
C ALA B 291 2.98 -33.55 -5.47
N GLN B 292 3.09 -34.73 -6.06
CA GLN B 292 1.93 -35.52 -6.39
C GLN B 292 1.01 -35.74 -5.20
N ASN B 293 1.60 -35.96 -4.02
CA ASN B 293 0.85 -36.12 -2.79
C ASN B 293 0.52 -34.79 -2.08
N PRO B 294 -0.76 -34.40 -2.10
CA PRO B 294 -1.17 -33.14 -1.48
C PRO B 294 -0.67 -32.95 -0.04
N ASP B 295 -0.51 -34.05 0.70
CA ASP B 295 -0.09 -33.96 2.10
C ASP B 295 1.38 -33.62 2.25
N GLU B 296 2.18 -33.86 1.21
CA GLU B 296 3.59 -33.46 1.26
C GLU B 296 3.79 -31.97 0.93
N ARG B 297 2.77 -31.34 0.36
CA ARG B 297 2.88 -29.93 0.01
C ARG B 297 2.75 -29.07 1.26
N PRO B 298 3.55 -28.00 1.36
CA PRO B 298 3.50 -27.16 2.54
C PRO B 298 2.32 -26.19 2.60
N SER B 299 1.97 -25.77 3.81
CA SER B 299 1.13 -24.59 3.99
C SER B 299 1.92 -23.38 3.49
N PHE B 300 1.20 -22.32 3.15
CA PHE B 300 1.84 -21.06 2.82
C PHE B 300 2.57 -20.49 4.03
N LEU B 301 2.11 -20.76 5.25
CA LEU B 301 2.89 -20.32 6.43
C LEU B 301 4.25 -21.01 6.51
N LYS B 302 4.27 -22.31 6.25
CA LYS B 302 5.53 -23.02 6.13
C LYS B 302 6.39 -22.48 4.98
N CYS B 303 5.74 -22.20 3.85
CA CYS B 303 6.39 -21.62 2.70
C CYS B 303 7.13 -20.34 2.98
N LEU B 304 6.43 -19.41 3.62
CA LEU B 304 7.02 -18.16 4.01
C LEU B 304 8.22 -18.37 4.92
N ILE B 305 8.11 -19.34 5.82
CA ILE B 305 9.19 -19.61 6.75
C ILE B 305 10.41 -20.13 5.99
N GLU B 306 10.20 -20.98 4.99
CA GLU B 306 11.29 -21.46 4.14
C GLU B 306 11.91 -20.32 3.33
N LEU B 307 11.08 -19.35 2.90
CA LEU B 307 11.57 -18.17 2.14
C LEU B 307 12.27 -17.09 2.94
N GLU B 308 11.80 -16.83 4.15
CA GLU B 308 12.33 -15.72 4.92
C GLU B 308 13.86 -15.63 4.93
N PRO B 309 14.57 -16.73 5.24
CA PRO B 309 16.05 -16.64 5.26
C PRO B 309 16.65 -16.33 3.88
N VAL B 310 16.03 -16.82 2.83
CA VAL B 310 16.47 -16.47 1.48
C VAL B 310 16.39 -14.96 1.22
N LEU B 311 15.24 -14.38 1.51
CA LEU B 311 15.04 -12.95 1.32
C LEU B 311 15.97 -12.13 2.16
N ARG B 312 16.35 -12.65 3.33
CA ARG B 312 17.22 -11.88 4.25
C ARG B 312 18.63 -11.66 3.73
N THR B 313 19.06 -12.45 2.76
CA THR B 313 20.41 -12.26 2.15
C THR B 313 20.52 -11.08 1.18
N PHE B 314 19.40 -10.52 0.74
CA PHE B 314 19.43 -9.36 -0.14
C PHE B 314 19.39 -8.09 0.71
N GLU B 315 20.32 -7.17 0.46
CA GLU B 315 20.23 -5.85 1.09
C GLU B 315 18.98 -5.18 0.48
N GLU B 316 18.16 -4.58 1.33
CA GLU B 316 16.86 -4.02 0.91
C GLU B 316 16.97 -2.95 -0.22
N ILE B 317 18.04 -2.17 -0.20
CA ILE B 317 18.28 -1.20 -1.27
C ILE B 317 18.33 -1.85 -2.66
N THR B 318 18.76 -3.09 -2.72
CA THR B 318 18.87 -3.81 -3.98
C THR B 318 17.51 -3.98 -4.71
N PHE B 319 16.42 -4.00 -3.97
CA PHE B 319 15.10 -4.14 -4.60
C PHE B 319 14.76 -2.86 -5.39
N LEU B 320 14.92 -1.72 -4.75
CA LEU B 320 14.73 -0.44 -5.43
C LEU B 320 15.65 -0.28 -6.62
N GLU B 321 16.89 -0.71 -6.52
CA GLU B 321 17.81 -0.61 -7.64
C GLU B 321 17.32 -1.45 -8.81
N ALA B 322 16.84 -2.64 -8.53
CA ALA B 322 16.33 -3.49 -9.58
C ALA B 322 15.16 -2.81 -10.27
N VAL B 323 14.31 -2.13 -9.50
CA VAL B 323 13.14 -1.45 -10.09
C VAL B 323 13.59 -0.28 -10.97
N ILE B 324 14.55 0.52 -10.50
CA ILE B 324 15.09 1.64 -11.28
C ILE B 324 15.62 1.13 -12.61
N GLN B 325 16.38 0.05 -12.58
CA GLN B 325 16.94 -0.52 -13.80
C GLN B 325 15.81 -0.84 -14.80
N LEU B 326 14.76 -1.55 -14.37
CA LEU B 326 13.64 -1.86 -15.24
C LEU B 326 13.10 -0.60 -15.89
N LYS B 327 12.77 0.41 -15.09
CA LYS B 327 12.13 1.60 -15.65
C LYS B 327 13.04 2.35 -16.59
N LYS B 328 14.33 2.35 -16.30
CA LYS B 328 15.32 2.92 -17.22
C LYS B 328 15.39 2.19 -18.55
N THR B 329 15.39 0.86 -18.54
CA THR B 329 15.46 0.11 -19.79
C THR B 329 14.14 0.25 -20.57
N LYS B 330 13.01 0.11 -19.88
CA LYS B 330 11.70 0.33 -20.49
C LYS B 330 11.67 1.69 -21.21
N LEU B 331 12.24 2.75 -20.60
CA LEU B 331 12.37 4.10 -21.21
C LEU B 331 13.50 4.25 -22.26
N GLN B 332 14.73 3.88 -21.91
CA GLN B 332 15.89 4.05 -22.82
C GLN B 332 16.00 2.98 -23.95
N SER B 333 15.30 1.86 -23.78
CA SER B 333 15.18 0.84 -24.82
C SER B 333 13.73 0.81 -25.32
#